data_6DI7
#
_entry.id   6DI7
#
_cell.length_a   84.979
_cell.length_b   84.979
_cell.length_c   271.502
_cell.angle_alpha   90.00
_cell.angle_beta   90.00
_cell.angle_gamma   120.00
#
_symmetry.space_group_name_H-M   'H 3 2'
#
loop_
_entity.id
_entity.type
_entity.pdbx_description
1 polymer 'Putative sorting protein'
2 non-polymer "GUANOSINE-5'-DIPHOSPHATE"
3 non-polymer 'MAGNESIUM ION'
4 water water
#
_entity_poly.entity_id   1
_entity_poly.type   'polypeptide(L)'
_entity_poly.pdbx_seq_one_letter_code
;MGSSHHHHHHSSGLVPRGSHMTADAPAGTLAQPGGISDPNLIKLVNKLQDVFTTVGVNNPIDLPQIVVVGSQSSGKSSVL
ENIVGRDFLPRGQGIVTRRPLVLQLINRQSSGNANGFDERLADSTDKAANLDEWGEFLHLPGQKFYDFNKIRDEINRETE
AKVGRNAGISPAPINLRIYSPHVLNLTLVDLPGLTRVPVGDQPRDIERQIRDMILKYIQKPNAIILAVTAANVDLANSDG
LKLAREVDPEGQRTIGVLTKVDLMDEGTDVVDILAGRIIPLRLGYVPVVNRGQRDIDNKKPITAALEAEKAFFENHKAYR
NKSAYCGTPYLARKLNLILMMHIKQTLPDIKQRISSSLQKYQQELEALGPSLLGNSANAGLEVLFQ
;
_entity_poly.pdbx_strand_id   A
#
# COMPACT_ATOMS: atom_id res chain seq x y z
N ASP A 62 -5.36 -3.52 -19.40
CA ASP A 62 -4.53 -2.56 -20.12
C ASP A 62 -3.08 -2.63 -19.63
N LEU A 63 -2.56 -1.52 -19.12
CA LEU A 63 -1.16 -1.50 -18.68
C LEU A 63 -1.00 -2.30 -17.39
N PRO A 64 0.19 -2.82 -17.13
CA PRO A 64 0.41 -3.53 -15.87
C PRO A 64 0.42 -2.58 -14.70
N GLN A 65 -0.14 -3.04 -13.58
CA GLN A 65 -0.21 -2.25 -12.37
C GLN A 65 -0.24 -3.18 -11.17
N ILE A 66 0.13 -2.63 -10.02
CA ILE A 66 0.24 -3.39 -8.78
C ILE A 66 -1.01 -3.14 -7.95
N VAL A 67 -1.78 -4.20 -7.69
CA VAL A 67 -3.04 -4.10 -6.97
C VAL A 67 -2.82 -4.61 -5.56
N VAL A 68 -3.15 -3.78 -4.56
CA VAL A 68 -2.87 -4.05 -3.16
C VAL A 68 -4.13 -4.64 -2.55
N VAL A 69 -4.05 -5.90 -2.11
CA VAL A 69 -5.21 -6.62 -1.60
C VAL A 69 -4.88 -7.21 -0.23
N GLY A 70 -5.87 -7.20 0.66
CA GLY A 70 -5.70 -7.77 1.98
C GLY A 70 -6.91 -7.45 2.84
N SER A 71 -6.82 -7.91 4.09
CA SER A 71 -7.84 -7.58 5.07
C SER A 71 -7.76 -6.11 5.45
N GLN A 72 -8.88 -5.59 5.96
CA GLN A 72 -8.88 -4.25 6.52
C GLN A 72 -7.89 -4.18 7.68
N SER A 73 -7.13 -3.08 7.73
CA SER A 73 -6.12 -2.87 8.77
C SER A 73 -4.96 -3.85 8.66
N SER A 74 -4.69 -4.35 7.45
CA SER A 74 -3.49 -5.14 7.21
C SER A 74 -2.24 -4.28 7.08
N GLY A 75 -2.40 -2.97 6.89
CA GLY A 75 -1.28 -2.08 6.65
C GLY A 75 -1.10 -1.68 5.20
N LYS A 76 -2.13 -1.85 4.37
CA LYS A 76 -1.99 -1.57 2.94
C LYS A 76 -1.68 -0.10 2.70
N SER A 77 -2.45 0.80 3.30
CA SER A 77 -2.20 2.23 3.13
C SER A 77 -0.83 2.61 3.69
N SER A 78 -0.44 2.00 4.80
CA SER A 78 0.85 2.32 5.40
C SER A 78 2.00 1.96 4.47
N VAL A 79 1.85 0.86 3.71
CA VAL A 79 2.91 0.46 2.79
C VAL A 79 3.08 1.50 1.69
N LEU A 80 1.98 2.01 1.14
CA LEU A 80 2.06 3.02 0.10
C LEU A 80 2.77 4.28 0.61
N GLU A 81 2.42 4.72 1.83
CA GLU A 81 3.07 5.90 2.38
C GLU A 81 4.56 5.66 2.60
N ASN A 82 4.93 4.46 3.04
CA ASN A 82 6.34 4.14 3.22
C ASN A 82 7.09 4.14 1.89
N ILE A 83 6.43 3.69 0.82
CA ILE A 83 7.06 3.71 -0.50
C ILE A 83 7.21 5.14 -1.00
N VAL A 84 6.17 5.95 -0.85
CA VAL A 84 6.23 7.34 -1.31
C VAL A 84 7.28 8.12 -0.54
N GLY A 85 7.40 7.85 0.76
CA GLY A 85 8.33 8.55 1.61
C GLY A 85 7.74 9.69 2.41
N ARG A 86 6.45 9.99 2.22
CA ARG A 86 5.76 11.02 2.97
C ARG A 86 4.30 10.61 3.11
N ASP A 87 3.70 10.95 4.25
CA ASP A 87 2.31 10.58 4.51
C ASP A 87 1.38 11.51 3.74
N PHE A 88 0.29 10.94 3.20
CA PHE A 88 -0.63 11.71 2.38
C PHE A 88 -2.01 11.08 2.29
N LEU A 89 -2.27 10.04 3.11
CA LEU A 89 -3.54 9.33 3.03
C LEU A 89 -4.38 9.60 4.27
N PRO A 90 -5.70 9.69 4.14
CA PRO A 90 -6.54 9.98 5.31
C PRO A 90 -6.71 8.77 6.19
N ARG A 91 -6.65 9.00 7.51
CA ARG A 91 -6.81 7.94 8.48
C ARG A 91 -7.36 8.53 9.77
N GLY A 92 -7.89 7.65 10.61
CA GLY A 92 -8.55 8.07 11.83
C GLY A 92 -10.02 8.38 11.61
N GLN A 93 -10.76 8.43 12.72
CA GLN A 93 -12.20 8.70 12.69
C GLN A 93 -12.98 7.58 11.99
N GLY A 94 -12.46 6.35 12.07
CA GLY A 94 -13.09 5.25 11.37
C GLY A 94 -13.00 5.34 9.87
N ILE A 95 -12.01 6.05 9.35
CA ILE A 95 -11.85 6.25 7.91
C ILE A 95 -11.03 5.09 7.34
N VAL A 96 -11.55 4.49 6.27
CA VAL A 96 -10.86 3.43 5.55
C VAL A 96 -10.97 3.72 4.05
N THR A 97 -10.16 3.01 3.28
CA THR A 97 -10.23 3.10 1.83
C THR A 97 -11.57 2.60 1.34
N ARG A 98 -12.33 3.50 0.69
CA ARG A 98 -13.65 3.16 0.18
C ARG A 98 -13.78 3.32 -1.33
N ARG A 99 -12.79 3.91 -2.00
CA ARG A 99 -12.71 3.94 -3.44
C ARG A 99 -11.32 3.51 -3.86
N PRO A 100 -11.17 2.92 -5.06
CA PRO A 100 -9.83 2.58 -5.53
C PRO A 100 -9.00 3.84 -5.75
N LEU A 101 -7.82 3.85 -5.14
CA LEU A 101 -6.84 4.92 -5.37
C LEU A 101 -5.80 4.39 -6.34
N VAL A 102 -5.87 4.87 -7.59
CA VAL A 102 -4.90 4.50 -8.61
C VAL A 102 -3.75 5.50 -8.50
N LEU A 103 -2.66 5.06 -7.87
CA LEU A 103 -1.53 5.91 -7.56
C LEU A 103 -0.40 5.65 -8.55
N GLN A 104 0.02 6.68 -9.25
CA GLN A 104 1.08 6.59 -10.25
C GLN A 104 2.28 7.39 -9.76
N LEU A 105 3.37 6.69 -9.46
CA LEU A 105 4.60 7.31 -8.98
C LEU A 105 5.53 7.55 -10.16
N ILE A 106 6.07 8.76 -10.24
CA ILE A 106 6.89 9.18 -11.37
C ILE A 106 8.20 9.74 -10.83
N ASN A 107 9.31 9.07 -11.17
CA ASN A 107 10.61 9.57 -10.79
C ASN A 107 10.94 10.85 -11.56
N ARG A 108 11.51 11.81 -10.86
CA ARG A 108 11.85 13.11 -11.47
C ARG A 108 13.05 13.68 -10.72
N GLN A 109 14.25 13.49 -11.28
CA GLN A 109 15.45 14.06 -10.68
C GLN A 109 15.36 15.57 -10.65
N SER A 110 16.04 16.17 -9.67
CA SER A 110 16.01 17.61 -9.51
C SER A 110 16.77 18.29 -10.65
N ASP A 118 9.60 30.78 -2.06
CA ASP A 118 8.90 30.69 -3.33
C ASP A 118 7.39 30.77 -3.11
N GLU A 119 6.71 31.56 -3.95
CA GLU A 119 5.31 31.88 -3.72
C GLU A 119 4.42 30.64 -3.80
N ARG A 120 4.84 29.61 -4.55
CA ARG A 120 4.01 28.42 -4.68
C ARG A 120 3.93 27.64 -3.37
N LEU A 121 4.95 27.75 -2.52
CA LEU A 121 4.98 27.10 -1.23
C LEU A 121 4.61 28.04 -0.09
N ALA A 122 3.89 29.12 -0.39
CA ALA A 122 3.61 30.14 0.61
C ALA A 122 2.68 29.61 1.71
N ASP A 123 1.55 29.03 1.31
CA ASP A 123 0.51 28.64 2.26
C ASP A 123 0.54 27.13 2.50
N SER A 124 1.69 26.63 2.95
CA SER A 124 1.90 25.21 3.14
C SER A 124 1.85 24.87 4.63
N THR A 125 0.93 23.98 5.00
CA THR A 125 0.89 23.40 6.34
C THR A 125 1.78 22.18 6.45
N ASP A 126 2.46 21.79 5.38
CA ASP A 126 3.34 20.63 5.34
C ASP A 126 4.78 21.12 5.44
N LYS A 127 5.44 20.84 6.56
CA LYS A 127 6.78 21.36 6.79
C LYS A 127 7.81 20.82 5.82
N ALA A 128 7.48 19.80 5.04
CA ALA A 128 8.45 19.14 4.17
C ALA A 128 8.26 19.46 2.69
N ALA A 129 7.31 20.33 2.34
CA ALA A 129 7.02 20.59 0.94
C ALA A 129 8.24 21.16 0.22
N ASN A 130 8.33 20.85 -1.07
CA ASN A 130 9.43 21.34 -1.90
C ASN A 130 8.99 21.28 -3.36
N LEU A 131 9.71 22.03 -4.20
CA LEU A 131 9.36 22.14 -5.61
C LEU A 131 9.63 20.85 -6.38
N ASP A 132 10.46 19.95 -5.85
CA ASP A 132 10.79 18.72 -6.55
C ASP A 132 9.76 17.62 -6.35
N GLU A 133 8.78 17.81 -5.47
CA GLU A 133 7.75 16.81 -5.23
C GLU A 133 6.38 17.47 -5.22
N TRP A 134 5.42 16.87 -5.90
CA TRP A 134 4.06 17.39 -5.92
C TRP A 134 3.13 16.31 -6.45
N GLY A 135 1.85 16.47 -6.16
CA GLY A 135 0.83 15.56 -6.65
C GLY A 135 -0.13 16.21 -7.62
N GLU A 136 -0.74 15.41 -8.50
CA GLU A 136 -1.73 15.91 -9.44
C GLU A 136 -2.90 14.95 -9.48
N PHE A 137 -4.11 15.50 -9.44
CA PHE A 137 -5.33 14.72 -9.54
C PHE A 137 -5.90 14.84 -10.95
N LEU A 138 -6.33 13.70 -11.50
CA LEU A 138 -6.88 13.70 -12.85
C LEU A 138 -8.15 14.53 -12.92
N HIS A 139 -8.97 14.48 -11.88
CA HIS A 139 -10.22 15.24 -11.85
C HIS A 139 -10.02 16.71 -11.51
N LEU A 140 -8.83 17.10 -11.06
CA LEU A 140 -8.49 18.50 -10.82
C LEU A 140 -7.36 18.90 -11.77
N PRO A 141 -7.64 19.00 -13.07
CA PRO A 141 -6.57 19.29 -14.03
C PRO A 141 -5.95 20.66 -13.76
N GLY A 142 -4.63 20.73 -13.98
CA GLY A 142 -3.91 21.97 -13.84
C GLY A 142 -3.34 22.25 -12.46
N GLN A 143 -3.91 21.64 -11.42
CA GLN A 143 -3.48 21.91 -10.05
C GLN A 143 -2.33 20.99 -9.68
N LYS A 144 -1.29 21.57 -9.08
CA LYS A 144 -0.18 20.81 -8.51
C LYS A 144 -0.23 20.96 -7.00
N PHE A 145 -0.21 19.83 -6.31
CA PHE A 145 -0.32 19.79 -4.84
C PHE A 145 1.08 19.58 -4.27
N TYR A 146 1.69 20.66 -3.78
CA TYR A 146 2.97 20.56 -3.08
C TYR A 146 2.79 20.21 -1.61
N ASP A 147 1.64 20.54 -1.03
CA ASP A 147 1.32 20.23 0.36
C ASP A 147 0.58 18.90 0.39
N PHE A 148 1.19 17.90 1.01
CA PHE A 148 0.58 16.56 1.06
C PHE A 148 -0.57 16.48 2.04
N ASN A 149 -0.76 17.48 2.91
CA ASN A 149 -1.95 17.53 3.74
C ASN A 149 -3.18 17.88 2.93
N LYS A 150 -3.01 18.59 1.81
CA LYS A 150 -4.11 18.86 0.90
C LYS A 150 -4.42 17.67 0.01
N ILE A 151 -3.41 16.88 -0.33
CA ILE A 151 -3.65 15.62 -1.02
C ILE A 151 -4.56 14.74 -0.18
N ARG A 152 -4.23 14.60 1.11
CA ARG A 152 -5.08 13.84 2.03
C ARG A 152 -6.49 14.40 2.05
N ASP A 153 -6.63 15.72 2.17
CA ASP A 153 -7.95 16.33 2.24
C ASP A 153 -8.76 16.07 0.98
N GLU A 154 -8.13 16.19 -0.19
CA GLU A 154 -8.84 15.98 -1.45
C GLU A 154 -9.29 14.53 -1.59
N ILE A 155 -8.43 13.57 -1.24
CA ILE A 155 -8.83 12.17 -1.29
C ILE A 155 -10.03 11.93 -0.39
N ASN A 156 -10.00 12.50 0.82
CA ASN A 156 -11.14 12.40 1.72
C ASN A 156 -12.38 13.04 1.11
N ARG A 157 -12.18 14.15 0.37
CA ARG A 157 -13.32 14.83 -0.25
C ARG A 157 -13.92 13.99 -1.36
N GLU A 158 -13.10 13.60 -2.34
CA GLU A 158 -13.61 12.83 -3.48
C GLU A 158 -14.32 11.57 -3.00
N THR A 159 -13.83 10.95 -1.94
CA THR A 159 -14.45 9.73 -1.43
C THR A 159 -15.83 10.02 -0.86
N GLU A 160 -15.94 11.00 0.05
CA GLU A 160 -17.22 11.32 0.64
C GLU A 160 -18.20 11.84 -0.40
N ALA A 161 -17.70 12.46 -1.47
CA ALA A 161 -18.59 13.01 -2.49
C ALA A 161 -19.38 11.92 -3.19
N LYS A 162 -18.77 10.75 -3.39
CA LYS A 162 -19.41 9.67 -4.13
C LYS A 162 -19.98 8.58 -3.22
N VAL A 163 -19.44 8.39 -2.03
CA VAL A 163 -19.84 7.26 -1.18
C VAL A 163 -20.10 7.70 0.24
N GLY A 164 -20.19 9.01 0.48
CA GLY A 164 -20.37 9.50 1.83
C GLY A 164 -19.29 8.97 2.77
N ARG A 165 -19.58 8.93 4.07
CA ARG A 165 -18.61 8.50 5.07
C ARG A 165 -19.14 7.29 5.83
N ASN A 166 -18.26 6.31 6.06
CA ASN A 166 -18.58 5.12 6.85
C ASN A 166 -19.79 4.38 6.27
N ALA A 167 -19.98 4.46 4.95
CA ALA A 167 -21.07 3.73 4.30
C ALA A 167 -20.47 2.68 3.36
N GLY A 168 -21.09 2.47 2.20
CA GLY A 168 -20.63 1.45 1.28
C GLY A 168 -19.30 1.76 0.63
N ILE A 169 -19.15 1.33 -0.63
CA ILE A 169 -17.97 1.61 -1.44
C ILE A 169 -18.43 1.94 -2.84
N SER A 170 -17.50 2.47 -3.64
CA SER A 170 -17.74 2.71 -5.05
C SER A 170 -16.51 2.27 -5.84
N PRO A 171 -16.70 1.69 -7.02
CA PRO A 171 -15.54 1.33 -7.85
C PRO A 171 -14.94 2.49 -8.63
N ALA A 172 -15.52 3.68 -8.54
CA ALA A 172 -14.99 4.85 -9.23
C ALA A 172 -13.61 5.17 -8.69
N PRO A 173 -12.56 5.10 -9.51
CA PRO A 173 -11.20 5.33 -8.98
C PRO A 173 -10.87 6.80 -8.83
N ILE A 174 -10.06 7.07 -7.81
CA ILE A 174 -9.39 8.36 -7.65
C ILE A 174 -8.00 8.23 -8.26
N ASN A 175 -7.70 9.04 -9.27
CA ASN A 175 -6.44 8.98 -9.98
C ASN A 175 -5.51 10.08 -9.48
N LEU A 176 -4.35 9.68 -8.97
CA LEU A 176 -3.39 10.60 -8.36
C LEU A 176 -2.00 10.30 -8.88
N ARG A 177 -1.33 11.33 -9.38
CA ARG A 177 0.07 11.24 -9.76
C ARG A 177 0.93 11.95 -8.72
N ILE A 178 2.14 11.43 -8.51
CA ILE A 178 3.10 12.04 -7.59
C ILE A 178 4.47 11.99 -8.24
N TYR A 179 5.04 13.17 -8.49
CA TYR A 179 6.40 13.27 -9.01
C TYR A 179 7.38 13.42 -7.85
N SER A 180 8.53 12.78 -7.96
CA SER A 180 9.52 12.84 -6.89
C SER A 180 10.86 12.26 -7.33
N PRO A 181 11.98 12.82 -6.85
CA PRO A 181 13.28 12.18 -7.11
C PRO A 181 13.49 10.90 -6.32
N HIS A 182 12.65 10.63 -5.32
CA HIS A 182 12.88 9.53 -4.38
C HIS A 182 11.97 8.34 -4.62
N VAL A 183 11.19 8.34 -5.70
CA VAL A 183 10.29 7.24 -5.99
C VAL A 183 10.71 6.59 -7.30
N LEU A 184 10.42 5.31 -7.42
CA LEU A 184 10.60 4.57 -8.66
C LEU A 184 9.31 4.61 -9.46
N ASN A 185 9.41 4.32 -10.75
CA ASN A 185 8.24 4.36 -11.63
C ASN A 185 7.35 3.16 -11.33
N LEU A 186 6.27 3.39 -10.59
CA LEU A 186 5.33 2.34 -10.21
C LEU A 186 3.91 2.86 -10.36
N THR A 187 2.99 1.95 -10.63
CA THR A 187 1.56 2.22 -10.54
C THR A 187 0.97 1.26 -9.52
N LEU A 188 0.39 1.80 -8.47
CA LEU A 188 -0.17 1.03 -7.37
C LEU A 188 -1.64 1.38 -7.19
N VAL A 189 -2.46 0.38 -6.88
CA VAL A 189 -3.90 0.55 -6.73
C VAL A 189 -4.27 0.14 -5.32
N ASP A 190 -4.61 1.10 -4.47
CA ASP A 190 -5.07 0.81 -3.12
C ASP A 190 -6.56 0.45 -3.18
N LEU A 191 -6.89 -0.76 -2.74
CA LEU A 191 -8.27 -1.22 -2.77
C LEU A 191 -8.83 -1.35 -1.35
N PRO A 192 -10.14 -1.23 -1.18
CA PRO A 192 -10.73 -1.44 0.14
C PRO A 192 -10.36 -2.80 0.70
N GLY A 193 -10.19 -2.85 2.01
CA GLY A 193 -9.85 -4.08 2.69
C GLY A 193 -11.08 -4.89 3.06
N LEU A 194 -10.95 -6.21 3.03
CA LEU A 194 -12.03 -7.09 3.40
C LEU A 194 -12.33 -6.98 4.89
N THR A 195 -13.61 -6.86 5.22
CA THR A 195 -14.09 -7.01 6.58
C THR A 195 -15.18 -8.08 6.58
N ARG A 196 -15.62 -8.46 7.77
CA ARG A 196 -16.58 -9.54 7.94
C ARG A 196 -17.86 -9.11 8.62
N VAL A 197 -17.84 -8.05 9.43
CA VAL A 197 -19.01 -7.59 10.16
C VAL A 197 -19.25 -6.14 9.77
N PRO A 198 -20.42 -5.80 9.24
CA PRO A 198 -20.67 -4.39 8.87
C PRO A 198 -20.76 -3.50 10.09
N VAL A 199 -20.19 -2.30 9.97
CA VAL A 199 -20.26 -1.29 11.00
C VAL A 199 -20.85 -0.03 10.39
N GLY A 200 -21.33 0.85 11.27
CA GLY A 200 -21.88 2.12 10.82
C GLY A 200 -23.08 1.92 9.91
N ASP A 201 -23.03 2.54 8.73
CA ASP A 201 -24.09 2.43 7.74
C ASP A 201 -23.71 1.52 6.57
N GLN A 202 -22.70 0.67 6.76
CA GLN A 202 -22.27 -0.20 5.67
C GLN A 202 -23.41 -1.14 5.27
N PRO A 203 -23.52 -1.48 3.98
CA PRO A 203 -24.48 -2.52 3.60
C PRO A 203 -24.07 -3.85 4.21
N ARG A 204 -25.06 -4.69 4.49
CA ARG A 204 -24.77 -5.91 5.26
C ARG A 204 -23.99 -6.93 4.45
N ASP A 205 -23.99 -6.83 3.12
CA ASP A 205 -23.15 -7.66 2.27
C ASP A 205 -21.89 -6.92 1.83
N ILE A 206 -21.35 -6.05 2.69
CA ILE A 206 -20.16 -5.28 2.35
C ILE A 206 -19.00 -6.20 2.02
N GLU A 207 -18.90 -7.35 2.71
CA GLU A 207 -17.81 -8.29 2.41
C GLU A 207 -17.85 -8.73 0.96
N ARG A 208 -19.04 -9.13 0.49
CA ARG A 208 -19.17 -9.60 -0.89
C ARG A 208 -18.85 -8.49 -1.88
N GLN A 209 -19.36 -7.27 -1.63
CA GLN A 209 -19.11 -6.16 -2.53
C GLN A 209 -17.63 -5.87 -2.66
N ILE A 210 -16.88 -5.96 -1.56
CA ILE A 210 -15.45 -5.71 -1.60
C ILE A 210 -14.73 -6.84 -2.33
N ARG A 211 -15.09 -8.09 -2.05
CA ARG A 211 -14.51 -9.22 -2.75
C ARG A 211 -14.70 -9.07 -4.26
N ASP A 212 -15.93 -8.80 -4.69
CA ASP A 212 -16.22 -8.69 -6.11
C ASP A 212 -15.44 -7.55 -6.75
N MET A 213 -15.26 -6.44 -6.03
CA MET A 213 -14.48 -5.34 -6.56
C MET A 213 -13.01 -5.75 -6.73
N ILE A 214 -12.47 -6.48 -5.76
CA ILE A 214 -11.07 -6.91 -5.86
C ILE A 214 -10.89 -7.86 -7.04
N LEU A 215 -11.79 -8.84 -7.16
CA LEU A 215 -11.65 -9.83 -8.23
C LEU A 215 -11.68 -9.17 -9.60
N LYS A 216 -12.53 -8.14 -9.77
CA LYS A 216 -12.59 -7.45 -11.05
C LYS A 216 -11.25 -6.83 -11.42
N TYR A 217 -10.45 -6.44 -10.42
CA TYR A 217 -9.14 -5.85 -10.69
C TYR A 217 -8.08 -6.91 -10.95
N ILE A 218 -8.02 -7.93 -10.09
CA ILE A 218 -6.92 -8.89 -10.15
C ILE A 218 -7.19 -10.06 -11.09
N GLN A 219 -8.39 -10.18 -11.65
CA GLN A 219 -8.63 -11.13 -12.71
C GLN A 219 -7.82 -10.79 -13.95
N LYS A 220 -7.52 -9.51 -14.16
CA LYS A 220 -6.83 -9.08 -15.36
C LYS A 220 -5.40 -9.61 -15.34
N PRO A 221 -4.93 -10.27 -16.40
CA PRO A 221 -3.56 -10.84 -16.35
C PRO A 221 -2.47 -9.80 -16.23
N ASN A 222 -2.75 -8.54 -16.53
CA ASN A 222 -1.76 -7.47 -16.39
C ASN A 222 -1.60 -6.99 -14.95
N ALA A 223 -2.39 -7.51 -14.01
CA ALA A 223 -2.36 -7.03 -12.64
C ALA A 223 -1.32 -7.82 -11.84
N ILE A 224 -0.37 -7.10 -11.25
CA ILE A 224 0.53 -7.68 -10.26
C ILE A 224 -0.17 -7.58 -8.91
N ILE A 225 -0.32 -8.71 -8.22
CA ILE A 225 -1.09 -8.78 -6.99
C ILE A 225 -0.12 -8.66 -5.82
N LEU A 226 -0.24 -7.58 -5.06
CA LEU A 226 0.51 -7.38 -3.83
C LEU A 226 -0.37 -7.81 -2.67
N ALA A 227 -0.17 -9.04 -2.20
CA ALA A 227 -0.96 -9.60 -1.11
C ALA A 227 -0.36 -9.17 0.22
N VAL A 228 -1.07 -8.35 0.96
CA VAL A 228 -0.59 -7.79 2.22
C VAL A 228 -1.21 -8.57 3.37
N THR A 229 -0.37 -9.12 4.24
CA THR A 229 -0.82 -9.83 5.43
C THR A 229 -0.06 -9.31 6.63
N ALA A 230 -0.77 -9.13 7.75
CA ALA A 230 -0.12 -8.76 9.00
C ALA A 230 0.62 -9.97 9.57
N ALA A 231 1.86 -9.75 9.99
CA ALA A 231 2.68 -10.83 10.51
C ALA A 231 2.19 -11.34 11.87
N ASN A 232 1.35 -10.58 12.56
CA ASN A 232 0.83 -11.01 13.86
C ASN A 232 -0.49 -11.77 13.74
N VAL A 233 -0.81 -12.30 12.56
CA VAL A 233 -1.91 -13.23 12.38
C VAL A 233 -1.40 -14.45 11.63
N ASP A 234 -2.16 -15.54 11.72
CA ASP A 234 -1.82 -16.76 11.02
C ASP A 234 -1.84 -16.53 9.50
N LEU A 235 -0.73 -16.84 8.84
CA LEU A 235 -0.64 -16.62 7.40
C LEU A 235 -1.75 -17.35 6.65
N ALA A 236 -2.20 -18.49 7.17
CA ALA A 236 -3.22 -19.27 6.51
C ALA A 236 -4.59 -18.60 6.53
N ASN A 237 -4.79 -17.56 7.33
N ASN A 237 -4.78 -17.56 7.33
CA ASN A 237 -6.06 -16.83 7.32
CA ASN A 237 -6.01 -16.80 7.38
C ASN A 237 -5.95 -15.52 6.53
C ASN A 237 -5.97 -15.54 6.50
N SER A 238 -4.92 -15.40 5.68
CA SER A 238 -4.75 -14.18 4.90
C SER A 238 -5.82 -14.08 3.81
N ASP A 239 -6.57 -12.99 3.84
CA ASP A 239 -7.50 -12.70 2.75
C ASP A 239 -6.76 -12.41 1.46
N GLY A 240 -5.62 -11.71 1.55
CA GLY A 240 -4.89 -11.37 0.35
C GLY A 240 -4.39 -12.59 -0.40
N LEU A 241 -3.86 -13.58 0.33
CA LEU A 241 -3.37 -14.79 -0.32
C LEU A 241 -4.51 -15.63 -0.87
N LYS A 242 -5.64 -15.66 -0.16
CA LYS A 242 -6.80 -16.41 -0.66
C LYS A 242 -7.25 -15.86 -2.00
N LEU A 243 -7.43 -14.54 -2.09
CA LEU A 243 -7.88 -13.93 -3.34
C LEU A 243 -6.83 -14.07 -4.43
N ALA A 244 -5.56 -13.91 -4.08
CA ALA A 244 -4.49 -14.11 -5.05
C ALA A 244 -4.51 -15.52 -5.60
N ARG A 245 -4.72 -16.52 -4.74
CA ARG A 245 -4.74 -17.91 -5.20
C ARG A 245 -5.97 -18.19 -6.05
N GLU A 246 -7.08 -17.48 -5.80
CA GLU A 246 -8.30 -17.72 -6.55
C GLU A 246 -8.13 -17.33 -8.03
N VAL A 247 -7.33 -16.31 -8.32
CA VAL A 247 -7.14 -15.87 -9.70
C VAL A 247 -5.78 -16.27 -10.25
N ASP A 248 -4.79 -16.53 -9.41
CA ASP A 248 -3.42 -16.84 -9.84
C ASP A 248 -2.90 -17.97 -8.97
N PRO A 249 -3.43 -19.18 -9.15
CA PRO A 249 -3.06 -20.29 -8.24
C PRO A 249 -1.59 -20.66 -8.31
N GLU A 250 -0.94 -20.50 -9.47
CA GLU A 250 0.46 -20.85 -9.59
C GLU A 250 1.39 -19.84 -8.94
N GLY A 251 0.88 -18.67 -8.57
CA GLY A 251 1.74 -17.61 -8.05
C GLY A 251 2.59 -16.95 -9.10
N GLN A 252 2.11 -16.88 -10.35
CA GLN A 252 2.91 -16.29 -11.42
C GLN A 252 3.06 -14.78 -11.25
N ARG A 253 2.10 -14.13 -10.61
CA ARG A 253 2.07 -12.68 -10.54
C ARG A 253 1.62 -12.19 -9.17
N THR A 254 1.91 -12.97 -8.12
CA THR A 254 1.58 -12.61 -6.76
C THR A 254 2.87 -12.45 -5.96
N ILE A 255 2.99 -11.32 -5.27
CA ILE A 255 4.12 -11.04 -4.40
C ILE A 255 3.56 -10.65 -3.03
N GLY A 256 4.18 -11.17 -1.97
CA GLY A 256 3.68 -11.00 -0.63
C GLY A 256 4.40 -9.92 0.16
N VAL A 257 3.64 -9.27 1.05
CA VAL A 257 4.19 -8.32 2.01
C VAL A 257 3.75 -8.76 3.40
N LEU A 258 4.68 -8.74 4.35
CA LEU A 258 4.40 -9.10 5.74
C LEU A 258 4.62 -7.85 6.60
N THR A 259 3.54 -7.26 7.07
CA THR A 259 3.60 -6.03 7.84
C THR A 259 3.60 -6.34 9.34
N LYS A 260 3.82 -5.29 10.13
CA LYS A 260 3.72 -5.37 11.59
C LYS A 260 4.68 -6.41 12.17
N VAL A 261 5.85 -6.57 11.56
CA VAL A 261 6.83 -7.53 12.09
C VAL A 261 7.25 -7.13 13.50
N ASP A 262 7.21 -5.84 13.81
CA ASP A 262 7.57 -5.36 15.14
C ASP A 262 6.55 -5.71 16.20
N LEU A 263 5.36 -6.18 15.83
CA LEU A 263 4.31 -6.52 16.78
C LEU A 263 4.17 -8.01 16.99
N MET A 264 5.12 -8.82 16.51
CA MET A 264 4.99 -10.25 16.61
C MET A 264 5.23 -10.71 18.04
N ASP A 265 4.48 -11.73 18.45
CA ASP A 265 4.69 -12.40 19.73
C ASP A 265 6.17 -12.72 19.90
N GLU A 266 6.73 -12.34 21.05
CA GLU A 266 8.15 -12.55 21.29
C GLU A 266 8.52 -14.02 21.09
N GLY A 267 9.61 -14.25 20.36
CA GLY A 267 10.06 -15.59 20.06
C GLY A 267 9.64 -16.11 18.70
N THR A 268 8.70 -15.43 18.04
CA THR A 268 8.26 -15.81 16.70
C THR A 268 8.85 -14.86 15.67
N ASP A 269 8.90 -15.34 14.43
CA ASP A 269 9.43 -14.55 13.31
C ASP A 269 8.82 -15.11 12.02
N VAL A 270 9.17 -14.47 10.91
CA VAL A 270 8.60 -14.84 9.61
C VAL A 270 9.61 -15.60 8.74
N VAL A 271 10.72 -16.07 9.32
CA VAL A 271 11.77 -16.67 8.51
C VAL A 271 11.25 -17.92 7.79
N ASP A 272 10.46 -18.74 8.48
CA ASP A 272 9.91 -19.93 7.83
C ASP A 272 9.09 -19.55 6.60
N ILE A 273 8.36 -18.43 6.67
CA ILE A 273 7.60 -17.96 5.52
C ILE A 273 8.53 -17.52 4.40
N LEU A 274 9.60 -16.80 4.74
CA LEU A 274 10.54 -16.36 3.73
C LEU A 274 11.22 -17.53 3.04
N ALA A 275 11.42 -18.63 3.76
CA ALA A 275 12.08 -19.80 3.21
C ALA A 275 11.11 -20.74 2.49
N GLY A 276 9.87 -20.31 2.28
CA GLY A 276 8.94 -21.06 1.47
C GLY A 276 8.34 -22.28 2.11
N ARG A 277 8.29 -22.34 3.44
CA ARG A 277 7.82 -23.53 4.13
C ARG A 277 6.34 -23.51 4.46
N ILE A 278 5.65 -22.38 4.30
CA ILE A 278 4.26 -22.27 4.71
C ILE A 278 3.36 -22.21 3.49
N ILE A 279 3.33 -21.06 2.83
CA ILE A 279 2.55 -20.88 1.61
C ILE A 279 3.50 -20.31 0.55
N PRO A 280 4.15 -21.16 -0.24
CA PRO A 280 5.23 -20.67 -1.10
C PRO A 280 4.75 -19.72 -2.19
N LEU A 281 5.54 -18.67 -2.42
CA LEU A 281 5.33 -17.73 -3.51
C LEU A 281 6.67 -17.58 -4.23
N ARG A 282 6.69 -17.94 -5.52
CA ARG A 282 7.95 -17.89 -6.26
C ARG A 282 8.51 -16.48 -6.31
N LEU A 283 7.65 -15.47 -6.33
CA LEU A 283 8.12 -14.08 -6.32
C LEU A 283 8.51 -13.61 -4.92
N GLY A 284 8.14 -14.35 -3.88
CA GLY A 284 8.70 -14.13 -2.56
C GLY A 284 7.82 -13.26 -1.68
N TYR A 285 8.24 -13.16 -0.41
CA TYR A 285 7.65 -12.28 0.58
C TYR A 285 8.68 -11.24 1.00
N VAL A 286 8.20 -10.06 1.36
CA VAL A 286 9.05 -8.99 1.87
C VAL A 286 8.50 -8.53 3.22
N PRO A 287 9.24 -8.66 4.31
CA PRO A 287 8.79 -8.08 5.58
C PRO A 287 9.10 -6.59 5.67
N VAL A 288 8.20 -5.86 6.33
CA VAL A 288 8.33 -4.41 6.47
C VAL A 288 7.84 -3.98 7.85
N VAL A 289 8.23 -2.76 8.24
CA VAL A 289 7.76 -2.14 9.47
C VAL A 289 7.30 -0.74 9.12
N ASN A 290 5.99 -0.49 9.21
CA ASN A 290 5.43 0.83 8.98
C ASN A 290 5.22 1.56 10.31
N ARG A 291 4.76 2.80 10.21
CA ARG A 291 4.45 3.58 11.40
C ARG A 291 3.33 2.91 12.20
N GLY A 292 3.51 2.86 13.52
CA GLY A 292 2.45 2.45 14.40
C GLY A 292 1.49 3.60 14.67
N GLN A 293 0.39 3.28 15.36
CA GLN A 293 -0.62 4.29 15.63
C GLN A 293 -0.06 5.43 16.48
N ARG A 294 0.83 5.11 17.42
CA ARG A 294 1.45 6.16 18.22
C ARG A 294 2.30 7.09 17.35
N ASP A 295 3.01 6.53 16.38
CA ASP A 295 3.82 7.35 15.49
C ASP A 295 2.93 8.27 14.65
N ILE A 296 1.78 7.75 14.20
CA ILE A 296 0.85 8.56 13.43
C ILE A 296 0.34 9.74 14.27
N ASP A 297 -0.13 9.44 15.49
CA ASP A 297 -0.66 10.50 16.35
C ASP A 297 0.40 11.55 16.63
N ASN A 298 1.65 11.14 16.79
CA ASN A 298 2.75 12.08 17.05
C ASN A 298 3.26 12.76 15.78
N LYS A 299 2.76 12.38 14.60
CA LYS A 299 3.16 13.00 13.34
C LYS A 299 4.62 12.69 13.01
N LYS A 300 5.04 11.47 13.33
CA LYS A 300 6.40 11.06 13.00
C LYS A 300 6.58 11.05 11.49
N PRO A 301 7.57 11.75 10.95
CA PRO A 301 7.77 11.72 9.50
C PRO A 301 8.13 10.32 9.00
N ILE A 302 7.68 10.02 7.78
CA ILE A 302 7.97 8.72 7.18
C ILE A 302 9.47 8.51 7.07
N THR A 303 10.24 9.59 6.87
CA THR A 303 11.69 9.44 6.79
C THR A 303 12.25 8.81 8.05
N ALA A 304 11.78 9.25 9.22
CA ALA A 304 12.24 8.64 10.47
C ALA A 304 11.74 7.22 10.60
N ALA A 305 10.52 6.95 10.11
CA ALA A 305 10.00 5.59 10.16
C ALA A 305 10.85 4.64 9.33
N LEU A 306 11.31 5.10 8.16
CA LEU A 306 12.17 4.27 7.33
C LEU A 306 13.51 4.00 8.01
N GLU A 307 14.10 5.02 8.64
CA GLU A 307 15.30 4.80 9.44
C GLU A 307 15.04 3.76 10.52
N ALA A 308 13.88 3.83 11.18
CA ALA A 308 13.55 2.88 12.23
C ALA A 308 13.36 1.48 11.66
N GLU A 309 12.77 1.37 10.47
CA GLU A 309 12.59 0.05 9.86
C GLU A 309 13.94 -0.57 9.51
N LYS A 310 14.84 0.21 8.92
CA LYS A 310 16.18 -0.30 8.60
C LYS A 310 16.88 -0.80 9.85
N ALA A 311 16.83 -0.02 10.93
CA ALA A 311 17.50 -0.43 12.17
C ALA A 311 16.86 -1.67 12.76
N PHE A 312 15.53 -1.83 12.62
CA PHE A 312 14.85 -2.99 13.18
C PHE A 312 15.38 -4.28 12.57
N PHE A 313 15.48 -4.35 11.25
CA PHE A 313 15.89 -5.59 10.60
C PHE A 313 17.39 -5.83 10.77
N GLU A 314 18.17 -4.78 10.98
CA GLU A 314 19.61 -4.95 11.12
C GLU A 314 20.04 -5.33 12.53
N ASN A 315 19.16 -5.17 13.52
CA ASN A 315 19.48 -5.51 14.90
C ASN A 315 18.66 -6.67 15.45
N HIS A 316 17.72 -7.19 14.67
CA HIS A 316 16.96 -8.38 15.05
C HIS A 316 17.75 -9.62 14.61
N LYS A 317 17.95 -10.57 15.53
CA LYS A 317 18.79 -11.73 15.24
C LYS A 317 18.25 -12.55 14.08
N ALA A 318 16.93 -12.55 13.88
CA ALA A 318 16.33 -13.38 12.83
C ALA A 318 16.49 -12.79 11.44
N TYR A 319 16.67 -11.48 11.32
CA TYR A 319 16.73 -10.81 10.03
C TYR A 319 18.06 -10.12 9.75
N ARG A 320 18.95 -10.05 10.75
CA ARG A 320 20.19 -9.30 10.63
C ARG A 320 20.98 -9.69 9.37
N ASN A 321 21.14 -10.99 9.11
CA ASN A 321 21.96 -11.44 8.01
C ASN A 321 21.24 -11.43 6.67
N LYS A 322 19.92 -11.21 6.66
CA LYS A 322 19.14 -11.17 5.43
C LYS A 322 18.47 -9.81 5.25
N SER A 323 19.02 -8.76 5.86
CA SER A 323 18.34 -7.46 5.89
C SER A 323 18.29 -6.79 4.52
N ALA A 324 19.15 -7.20 3.58
CA ALA A 324 19.06 -6.66 2.23
C ALA A 324 17.77 -7.08 1.54
N TYR A 325 17.10 -8.12 2.03
CA TYR A 325 15.82 -8.56 1.52
C TYR A 325 14.65 -8.14 2.40
N CYS A 326 14.89 -7.26 3.37
CA CYS A 326 13.86 -6.75 4.26
C CYS A 326 13.72 -5.25 4.07
N GLY A 327 12.52 -4.75 4.27
CA GLY A 327 12.27 -3.33 4.28
C GLY A 327 11.63 -2.83 3.00
N THR A 328 11.09 -1.62 3.07
CA THR A 328 10.31 -1.02 1.99
C THR A 328 11.21 -0.63 0.80
N PRO A 329 12.41 -0.11 1.04
CA PRO A 329 13.31 0.15 -0.10
C PRO A 329 13.48 -1.06 -1.00
N TYR A 330 13.72 -2.24 -0.41
CA TYR A 330 13.84 -3.45 -1.23
C TYR A 330 12.53 -3.79 -1.91
N LEU A 331 11.42 -3.65 -1.19
CA LEU A 331 10.12 -3.94 -1.78
C LEU A 331 9.88 -3.10 -3.03
N ALA A 332 10.21 -1.81 -2.97
CA ALA A 332 10.01 -0.93 -4.12
C ALA A 332 10.89 -1.35 -5.29
N ARG A 333 12.16 -1.64 -5.03
CA ARG A 333 13.04 -2.14 -6.08
C ARG A 333 12.50 -3.45 -6.64
N LYS A 334 11.99 -4.32 -5.77
CA LYS A 334 11.47 -5.60 -6.22
C LYS A 334 10.21 -5.44 -7.05
N LEU A 335 9.30 -4.56 -6.61
CA LEU A 335 8.11 -4.28 -7.41
C LEU A 335 8.48 -3.65 -8.75
N ASN A 336 9.43 -2.71 -8.74
CA ASN A 336 9.86 -2.08 -9.98
C ASN A 336 10.46 -3.11 -10.94
N LEU A 337 11.24 -4.05 -10.40
CA LEU A 337 11.83 -5.08 -11.23
C LEU A 337 10.77 -6.01 -11.80
N ILE A 338 9.87 -6.48 -10.94
CA ILE A 338 8.79 -7.35 -11.40
C ILE A 338 7.92 -6.64 -12.43
N LEU A 339 7.64 -5.36 -12.20
CA LEU A 339 6.77 -4.63 -13.12
C LEU A 339 7.42 -4.50 -14.49
N MET A 340 8.74 -4.30 -14.54
CA MET A 340 9.44 -4.22 -15.82
C MET A 340 9.39 -5.57 -16.55
N MET A 341 9.57 -6.67 -15.81
CA MET A 341 9.50 -7.99 -16.42
C MET A 341 8.11 -8.25 -16.99
N HIS A 342 7.07 -7.80 -16.30
CA HIS A 342 5.71 -8.04 -16.77
C HIS A 342 5.44 -7.30 -18.07
N ILE A 343 5.97 -6.08 -18.20
CA ILE A 343 5.79 -5.32 -19.43
C ILE A 343 6.46 -6.03 -20.60
N LYS A 344 7.66 -6.55 -20.39
CA LYS A 344 8.38 -7.26 -21.45
C LYS A 344 7.51 -8.34 -22.09
N GLN A 345 6.59 -8.93 -21.32
CA GLN A 345 5.71 -9.97 -21.82
C GLN A 345 4.32 -9.40 -22.12
N THR A 346 4.27 -8.43 -23.02
CA THR A 346 3.01 -7.85 -23.47
C THR A 346 3.17 -7.44 -24.93
N LEU A 347 2.29 -7.95 -25.78
CA LEU A 347 2.46 -7.82 -27.22
C LEU A 347 1.12 -7.62 -27.92
#